data_2APC
#
_entry.id   2APC
#
_cell.length_a   40.964
_cell.length_b   82.499
_cell.length_c   102.422
_cell.angle_alpha   90.00
_cell.angle_beta   90.00
_cell.angle_gamma   90.00
#
_symmetry.space_group_name_H-M   'P 21 21 21'
#
loop_
_entity.id
_entity.type
_entity.pdbx_description
1 polymer 'Alpha-1,3-mannosyl-glycoprotein 2-beta-N-acetylglucosaminyltransferase'
2 non-polymer 'MANGANESE (II) ION'
3 non-polymer URIDINE-DIPHOSPHATE-METHYLENE-N-ACETYL-GLUCOSAMINE
4 non-polymer GLYCEROL
5 water water
#
_entity_poly.entity_id   1
_entity_poly.type   'polypeptide(L)'
_entity_poly.pdbx_seq_one_letter_code
;AVIPILVIACDRSTVRRCLDKLLHYRPSAELFPIIVSQDCGHEETAQVIASYGSAVTHIRQPDLSNIAVQPDHRKFQGYY
KIARHYRWALGQIFHNFNYPAAVVVEDDLEVAPDFFEYFQATYPLLKADPSLWCVSAWNDNGKEQMVDSSKPELLYRTDF
FPGLGWLLLAELWAELEPKWPKAFWDDWMRRPEQRKGRACVRPEISRTMTFGRKGVSHGQFFDQHLKFIKLNQQFVPFTQ
LDLSYLQQEAYDRDFLARVYGAPQLQVEKVRTNDRKELGEVRVQYTGRDSFKAFAKALGVMDDLKSGVPRAGYRGIVTFL
FRGRRVHLAPPQTWDGYDPSWT
;
_entity_poly.pdbx_strand_id   A
#
loop_
_chem_comp.id
_chem_comp.type
_chem_comp.name
_chem_comp.formula
GOL non-polymer GLYCEROL 'C3 H8 O3'
MN non-polymer 'MANGANESE (II) ION' 'Mn 2'
UDM non-polymer URIDINE-DIPHOSPHATE-METHYLENE-N-ACETYL-GLUCOSAMINE 'C18 H29 N3 O16 P2'
#
# COMPACT_ATOMS: atom_id res chain seq x y z
N ALA A 1 -0.28 22.42 -6.44
CA ALA A 1 0.90 21.59 -6.06
C ALA A 1 1.18 20.52 -7.12
N VAL A 2 2.44 20.38 -7.49
CA VAL A 2 2.82 19.38 -8.49
C VAL A 2 3.20 18.11 -7.76
N ILE A 3 2.58 16.99 -8.16
CA ILE A 3 2.85 15.69 -7.55
C ILE A 3 3.39 14.74 -8.61
N PRO A 4 4.71 14.59 -8.66
CA PRO A 4 5.27 13.68 -9.66
C PRO A 4 4.95 12.22 -9.36
N ILE A 5 4.92 11.45 -10.43
CA ILE A 5 4.74 10.01 -10.29
C ILE A 5 6.17 9.50 -10.54
N LEU A 6 6.75 8.83 -9.53
CA LEU A 6 8.10 8.26 -9.67
C LEU A 6 7.94 6.77 -9.98
N VAL A 7 8.29 6.37 -11.21
CA VAL A 7 8.18 4.97 -11.61
C VAL A 7 9.56 4.34 -11.44
N ILE A 8 9.60 3.23 -10.70
CA ILE A 8 10.84 2.49 -10.42
C ILE A 8 10.95 1.31 -11.40
N ALA A 9 12.00 1.30 -12.21
CA ALA A 9 12.20 0.25 -13.21
C ALA A 9 13.60 -0.35 -13.19
N CYS A 10 13.76 -1.48 -13.86
CA CYS A 10 15.05 -2.15 -13.91
C CYS A 10 15.25 -2.92 -15.21
N ASP A 11 14.74 -4.15 -15.30
CA ASP A 11 14.97 -4.96 -16.48
C ASP A 11 13.79 -5.70 -17.05
N ARG A 12 12.59 -5.16 -16.81
CA ARG A 12 11.36 -5.75 -17.34
C ARG A 12 10.77 -4.81 -18.40
N SER A 13 10.67 -5.29 -19.64
CA SER A 13 10.10 -4.46 -20.71
C SER A 13 8.62 -4.20 -20.48
N THR A 14 7.99 -4.94 -19.58
CA THR A 14 6.58 -4.75 -19.27
C THR A 14 6.34 -3.43 -18.52
N VAL A 15 7.39 -2.63 -18.34
CA VAL A 15 7.20 -1.30 -17.77
C VAL A 15 6.27 -0.59 -18.77
N ARG A 16 6.22 -1.07 -20.02
CA ARG A 16 5.30 -0.52 -21.03
C ARG A 16 3.85 -0.58 -20.54
N ARG A 17 3.43 -1.71 -19.95
CA ARG A 17 2.05 -1.81 -19.48
C ARG A 17 1.77 -0.78 -18.40
N CYS A 18 2.74 -0.58 -17.51
CA CYS A 18 2.61 0.40 -16.43
C CYS A 18 2.49 1.83 -16.99
N LEU A 19 3.43 2.20 -17.86
CA LEU A 19 3.42 3.55 -18.43
C LEU A 19 2.20 3.83 -19.30
N ASP A 20 1.77 2.84 -20.08
CA ASP A 20 0.59 3.05 -20.92
C ASP A 20 -0.63 3.44 -20.08
N LYS A 21 -0.87 2.75 -18.97
CA LYS A 21 -2.03 3.07 -18.14
C LYS A 21 -1.87 4.42 -17.43
N LEU A 22 -0.68 4.70 -16.92
CA LEU A 22 -0.47 6.00 -16.27
C LEU A 22 -0.73 7.16 -17.25
N LEU A 23 -0.19 7.05 -18.45
CA LEU A 23 -0.36 8.11 -19.45
C LEU A 23 -1.78 8.22 -19.97
N HIS A 24 -2.48 7.10 -20.07
CA HIS A 24 -3.87 7.11 -20.55
C HIS A 24 -4.79 7.83 -19.58
N TYR A 25 -4.60 7.60 -18.28
CA TYR A 25 -5.46 8.19 -17.28
C TYR A 25 -5.03 9.53 -16.72
N ARG A 26 -3.77 9.92 -16.93
CA ARG A 26 -3.27 11.18 -16.40
C ARG A 26 -4.15 12.34 -16.85
N PRO A 27 -4.65 13.14 -15.90
CA PRO A 27 -5.51 14.27 -16.28
C PRO A 27 -4.78 15.56 -16.63
N SER A 28 -3.51 15.64 -16.23
CA SER A 28 -2.69 16.83 -16.45
C SER A 28 -1.22 16.48 -16.41
N ALA A 29 -0.50 16.78 -17.49
CA ALA A 29 0.93 16.52 -17.57
C ALA A 29 1.65 17.48 -16.64
N GLU A 30 1.11 18.69 -16.47
CA GLU A 30 1.73 19.67 -15.58
C GLU A 30 1.60 19.32 -14.11
N LEU A 31 0.43 18.83 -13.71
CA LEU A 31 0.21 18.48 -12.31
C LEU A 31 0.82 17.13 -11.93
N PHE A 32 0.93 16.23 -12.91
CA PHE A 32 1.48 14.91 -12.65
C PHE A 32 2.62 14.49 -13.58
N PRO A 33 3.78 15.15 -13.47
CA PRO A 33 4.90 14.78 -14.34
C PRO A 33 5.34 13.36 -13.98
N ILE A 34 5.72 12.59 -14.99
CA ILE A 34 6.16 11.21 -14.76
C ILE A 34 7.67 11.11 -14.93
N ILE A 35 8.32 10.65 -13.87
CA ILE A 35 9.77 10.48 -13.84
C ILE A 35 10.02 8.99 -13.72
N VAL A 36 10.67 8.41 -14.72
CA VAL A 36 10.98 6.98 -14.71
C VAL A 36 12.44 6.82 -14.36
N SER A 37 12.70 6.28 -13.17
CA SER A 37 14.06 6.02 -12.70
C SER A 37 14.37 4.56 -12.99
N GLN A 38 15.41 4.32 -13.81
CA GLN A 38 15.77 2.96 -14.17
C GLN A 38 17.12 2.54 -13.61
N ASP A 39 17.10 1.41 -12.91
CA ASP A 39 18.32 0.82 -12.34
C ASP A 39 18.72 -0.26 -13.34
N CYS A 40 19.84 -0.94 -13.05
CA CYS A 40 20.25 -2.10 -13.84
C CYS A 40 20.92 -1.91 -15.20
N GLY A 41 20.41 -1.03 -16.04
CA GLY A 41 21.02 -0.80 -17.34
C GLY A 41 20.57 -1.71 -18.47
N HIS A 42 19.47 -2.41 -18.29
CA HIS A 42 18.90 -3.33 -19.28
C HIS A 42 18.56 -2.51 -20.52
N GLU A 43 19.25 -2.80 -21.63
CA GLU A 43 19.07 -2.07 -22.88
C GLU A 43 17.67 -2.06 -23.46
N GLU A 44 17.03 -3.22 -23.56
CA GLU A 44 15.69 -3.24 -24.14
C GLU A 44 14.70 -2.40 -23.29
N THR A 45 14.78 -2.52 -21.97
CA THR A 45 13.90 -1.74 -21.10
C THR A 45 14.18 -0.25 -21.28
N ALA A 46 15.46 0.12 -21.43
CA ALA A 46 15.83 1.52 -21.64
C ALA A 46 15.24 2.03 -22.95
N GLN A 47 15.28 1.19 -23.99
CA GLN A 47 14.73 1.60 -25.29
C GLN A 47 13.22 1.79 -25.21
N VAL A 48 12.54 0.91 -24.47
CA VAL A 48 11.10 1.03 -24.29
C VAL A 48 10.79 2.37 -23.62
N ILE A 49 11.47 2.67 -22.51
CA ILE A 49 11.22 3.92 -21.81
C ILE A 49 11.50 5.13 -22.71
N ALA A 50 12.65 5.10 -23.40
CA ALA A 50 13.04 6.18 -24.30
C ALA A 50 12.02 6.43 -25.41
N SER A 51 11.35 5.37 -25.88
CA SER A 51 10.38 5.51 -26.96
C SER A 51 9.19 6.40 -26.62
N TYR A 52 8.96 6.66 -25.33
CA TYR A 52 7.84 7.52 -24.94
C TYR A 52 8.18 8.99 -25.12
N GLY A 53 9.46 9.26 -25.40
CA GLY A 53 9.90 10.63 -25.61
C GLY A 53 9.62 11.55 -24.44
N SER A 54 9.19 12.78 -24.75
CA SER A 54 8.93 13.78 -23.72
C SER A 54 7.73 13.53 -22.79
N ALA A 55 6.99 12.45 -23.04
CA ALA A 55 5.84 12.13 -22.19
C ALA A 55 6.34 11.78 -20.78
N VAL A 56 7.60 11.35 -20.69
CA VAL A 56 8.19 11.02 -19.39
C VAL A 56 9.62 11.54 -19.33
N THR A 57 10.20 11.56 -18.13
CA THR A 57 11.60 11.97 -17.96
C THR A 57 12.33 10.70 -17.49
N HIS A 58 13.27 10.24 -18.31
CA HIS A 58 14.03 9.02 -18.00
C HIS A 58 15.35 9.34 -17.31
N ILE A 59 15.52 8.87 -16.08
CA ILE A 59 16.77 9.08 -15.33
C ILE A 59 17.35 7.69 -15.01
N ARG A 60 18.67 7.63 -14.88
CA ARG A 60 19.38 6.36 -14.67
C ARG A 60 20.22 6.31 -13.39
N GLN A 61 19.95 5.31 -12.55
CA GLN A 61 20.68 5.12 -11.30
C GLN A 61 22.16 4.97 -11.76
N PRO A 62 23.05 5.79 -11.20
CA PRO A 62 24.47 5.79 -11.58
C PRO A 62 25.47 4.75 -11.15
N ASP A 63 25.17 4.05 -10.08
CA ASP A 63 26.09 3.07 -9.50
C ASP A 63 25.61 1.65 -9.72
N LEU A 64 26.15 1.00 -10.75
CA LEU A 64 25.73 -0.35 -11.07
C LEU A 64 26.62 -1.46 -10.50
N SER A 65 27.43 -1.11 -9.51
CA SER A 65 28.33 -2.08 -8.91
C SER A 65 27.59 -3.09 -8.05
N ASN A 66 28.25 -4.22 -7.76
CA ASN A 66 27.64 -5.20 -6.88
C ASN A 66 27.79 -4.65 -5.46
N ILE A 67 26.86 -5.01 -4.58
CA ILE A 67 26.88 -4.54 -3.21
C ILE A 67 27.39 -5.62 -2.25
N ALA A 68 28.24 -5.20 -1.32
CA ALA A 68 28.78 -6.12 -0.32
C ALA A 68 27.66 -6.35 0.69
N VAL A 69 27.14 -7.58 0.73
CA VAL A 69 26.06 -7.88 1.67
C VAL A 69 26.60 -8.44 2.98
N GLN A 70 25.76 -8.42 4.02
CA GLN A 70 26.19 -8.97 5.31
C GLN A 70 26.19 -10.51 5.24
N PRO A 71 26.85 -11.18 6.18
CA PRO A 71 26.93 -12.65 6.17
C PRO A 71 25.67 -13.48 6.12
N ASP A 72 24.55 -12.89 6.53
CA ASP A 72 23.27 -13.61 6.53
C ASP A 72 22.48 -13.38 5.24
N HIS A 73 23.07 -12.62 4.31
CA HIS A 73 22.34 -12.22 3.12
C HIS A 73 22.88 -12.57 1.73
N ARG A 74 23.68 -13.62 1.60
CA ARG A 74 24.18 -13.97 0.27
C ARG A 74 23.09 -14.13 -0.80
N LYS A 75 21.94 -14.68 -0.42
CA LYS A 75 20.82 -14.91 -1.35
C LYS A 75 20.00 -13.66 -1.65
N PHE A 76 20.33 -12.55 -0.99
CA PHE A 76 19.51 -11.35 -1.12
C PHE A 76 20.09 -10.09 -1.76
N GLN A 77 21.07 -10.24 -2.64
CA GLN A 77 21.69 -9.10 -3.32
C GLN A 77 20.64 -8.20 -4.00
N GLY A 78 19.63 -8.81 -4.61
CA GLY A 78 18.60 -8.03 -5.29
C GLY A 78 17.88 -7.07 -4.37
N TYR A 79 17.63 -7.48 -3.14
CA TYR A 79 16.95 -6.59 -2.18
C TYR A 79 17.84 -5.42 -1.77
N TYR A 80 19.16 -5.64 -1.75
CA TYR A 80 20.09 -4.54 -1.45
C TYR A 80 20.06 -3.55 -2.63
N LYS A 81 19.95 -4.06 -3.86
CA LYS A 81 19.89 -3.18 -5.02
C LYS A 81 18.60 -2.36 -5.04
N ILE A 82 17.48 -2.99 -4.65
CA ILE A 82 16.21 -2.26 -4.59
C ILE A 82 16.36 -1.10 -3.60
N ALA A 83 16.92 -1.35 -2.41
CA ALA A 83 17.04 -0.29 -1.41
C ALA A 83 17.94 0.83 -1.90
N ARG A 84 19.04 0.49 -2.58
CA ARG A 84 19.96 1.51 -3.08
C ARG A 84 19.26 2.37 -4.13
N HIS A 85 18.51 1.73 -5.02
CA HIS A 85 17.81 2.48 -6.06
C HIS A 85 16.77 3.42 -5.46
N TYR A 86 15.97 2.93 -4.50
CA TYR A 86 14.98 3.80 -3.85
C TYR A 86 15.65 5.02 -3.24
N ARG A 87 16.77 4.84 -2.54
CA ARG A 87 17.42 6.01 -1.94
C ARG A 87 17.87 7.03 -2.99
N TRP A 88 18.44 6.55 -4.09
CA TRP A 88 18.88 7.46 -5.14
C TRP A 88 17.72 8.14 -5.85
N ALA A 89 16.70 7.37 -6.22
CA ALA A 89 15.55 7.91 -6.94
C ALA A 89 14.76 8.93 -6.12
N LEU A 90 14.51 8.61 -4.85
CA LEU A 90 13.78 9.55 -4.00
C LEU A 90 14.64 10.78 -3.78
N GLY A 91 15.96 10.62 -3.74
CA GLY A 91 16.85 11.77 -3.59
C GLY A 91 16.74 12.67 -4.82
N GLN A 92 16.59 12.07 -5.99
CA GLN A 92 16.45 12.89 -7.20
C GLN A 92 15.15 13.70 -7.15
N ILE A 93 14.07 13.04 -6.73
CA ILE A 93 12.77 13.70 -6.65
C ILE A 93 12.76 14.84 -5.64
N PHE A 94 13.33 14.60 -4.46
CA PHE A 94 13.29 15.61 -3.40
C PHE A 94 14.46 16.57 -3.26
N HIS A 95 15.62 16.21 -3.82
CA HIS A 95 16.79 17.10 -3.73
C HIS A 95 17.10 17.79 -5.07
N ASN A 96 17.02 17.05 -6.16
CA ASN A 96 17.33 17.60 -7.48
C ASN A 96 16.15 18.33 -8.09
N PHE A 97 15.06 17.60 -8.31
CA PHE A 97 13.85 18.20 -8.88
C PHE A 97 13.15 19.06 -7.82
N ASN A 98 13.42 18.75 -6.55
CA ASN A 98 12.84 19.48 -5.41
C ASN A 98 11.31 19.57 -5.39
N TYR A 99 10.65 18.43 -5.61
CA TYR A 99 9.18 18.39 -5.54
C TYR A 99 8.74 18.28 -4.08
N PRO A 100 7.51 18.70 -3.78
CA PRO A 100 6.99 18.65 -2.41
C PRO A 100 6.47 17.31 -1.91
N ALA A 101 6.25 16.40 -2.85
CA ALA A 101 5.71 15.07 -2.55
C ALA A 101 5.88 14.25 -3.79
N ALA A 102 5.56 12.97 -3.68
CA ALA A 102 5.65 12.08 -4.84
C ALA A 102 4.82 10.82 -4.62
N VAL A 103 4.35 10.23 -5.71
CA VAL A 103 3.64 8.94 -5.66
C VAL A 103 4.60 7.95 -6.30
N VAL A 104 5.03 6.95 -5.52
CA VAL A 104 5.98 5.93 -5.98
C VAL A 104 5.20 4.75 -6.57
N VAL A 105 5.52 4.41 -7.82
CA VAL A 105 4.85 3.32 -8.56
C VAL A 105 5.88 2.38 -9.17
N GLU A 106 5.89 1.12 -8.72
CA GLU A 106 6.82 0.15 -9.31
C GLU A 106 6.38 -0.24 -10.72
N ASP A 107 7.35 -0.63 -11.54
CA ASP A 107 7.12 -0.94 -12.97
C ASP A 107 6.13 -2.04 -13.29
N ASP A 108 5.81 -2.86 -12.30
CA ASP A 108 4.87 -3.96 -12.49
C ASP A 108 3.50 -3.70 -11.88
N LEU A 109 3.15 -2.42 -11.74
CA LEU A 109 1.83 -2.03 -11.23
C LEU A 109 0.99 -1.40 -12.32
N GLU A 110 -0.27 -1.85 -12.42
CA GLU A 110 -1.23 -1.25 -13.35
C GLU A 110 -2.14 -0.37 -12.49
N VAL A 111 -2.34 0.88 -12.88
CA VAL A 111 -3.20 1.78 -12.09
C VAL A 111 -4.66 1.77 -12.54
N ALA A 112 -5.54 2.10 -11.60
CA ALA A 112 -6.99 2.18 -11.84
C ALA A 112 -7.33 3.52 -12.53
N PRO A 113 -8.52 3.61 -13.15
CA PRO A 113 -8.92 4.85 -13.83
C PRO A 113 -8.92 6.08 -12.94
N ASP A 114 -9.20 5.91 -11.64
CA ASP A 114 -9.23 7.05 -10.71
C ASP A 114 -8.00 7.17 -9.81
N PHE A 115 -6.90 6.58 -10.25
CA PHE A 115 -5.63 6.62 -9.51
C PHE A 115 -5.21 8.08 -9.23
N PHE A 116 -5.23 8.94 -10.26
CA PHE A 116 -4.81 10.33 -10.09
C PHE A 116 -5.79 11.12 -9.26
N GLU A 117 -7.08 10.91 -9.51
CA GLU A 117 -8.14 11.61 -8.77
C GLU A 117 -8.01 11.31 -7.27
N TYR A 118 -7.70 10.06 -6.95
CA TYR A 118 -7.54 9.59 -5.58
C TYR A 118 -6.42 10.32 -4.86
N PHE A 119 -5.25 10.38 -5.49
CA PHE A 119 -4.14 11.09 -4.87
C PHE A 119 -4.33 12.60 -4.82
N GLN A 120 -4.98 13.17 -5.82
CA GLN A 120 -5.25 14.61 -5.83
C GLN A 120 -6.14 14.93 -4.63
N ALA A 121 -7.14 14.10 -4.37
CA ALA A 121 -8.07 14.34 -3.26
C ALA A 121 -7.49 14.11 -1.86
N THR A 122 -6.57 13.16 -1.75
CA THR A 122 -6.00 12.81 -0.45
C THR A 122 -4.74 13.55 -0.04
N TYR A 123 -4.06 14.17 -1.01
CA TYR A 123 -2.85 14.94 -0.70
C TYR A 123 -3.11 16.00 0.39
N PRO A 124 -4.21 16.79 0.29
CA PRO A 124 -4.39 17.78 1.36
C PRO A 124 -4.59 17.16 2.75
N LEU A 125 -5.17 15.97 2.80
CA LEU A 125 -5.36 15.28 4.07
C LEU A 125 -3.99 14.94 4.65
N LEU A 126 -3.09 14.44 3.79
CA LEU A 126 -1.76 14.07 4.25
C LEU A 126 -0.99 15.32 4.74
N LYS A 127 -1.17 16.43 4.04
CA LYS A 127 -0.50 17.66 4.46
C LYS A 127 -0.99 18.17 5.81
N ALA A 128 -2.28 18.04 6.06
CA ALA A 128 -2.92 18.52 7.28
C ALA A 128 -2.88 17.66 8.55
N ASP A 129 -2.75 16.36 8.40
CA ASP A 129 -2.77 15.45 9.55
C ASP A 129 -1.42 14.77 9.78
N PRO A 130 -0.64 15.22 10.78
CA PRO A 130 0.66 14.60 11.04
C PRO A 130 0.61 13.18 11.60
N SER A 131 -0.59 12.69 11.92
CA SER A 131 -0.74 11.32 12.39
C SER A 131 -0.77 10.38 11.19
N LEU A 132 -0.84 10.95 9.98
CA LEU A 132 -0.78 10.17 8.75
C LEU A 132 0.63 10.32 8.19
N TRP A 133 1.19 9.25 7.64
CA TRP A 133 2.50 9.36 7.00
C TRP A 133 2.49 8.93 5.53
N CYS A 134 1.34 8.42 5.05
CA CYS A 134 1.23 8.09 3.64
C CYS A 134 -0.20 7.87 3.20
N VAL A 135 -0.37 7.86 1.89
CA VAL A 135 -1.63 7.48 1.27
C VAL A 135 -1.23 6.36 0.30
N SER A 136 -1.89 5.20 0.39
CA SER A 136 -1.59 4.09 -0.49
C SER A 136 -2.80 3.66 -1.31
N ALA A 137 -2.53 3.24 -2.54
CA ALA A 137 -3.56 2.72 -3.42
C ALA A 137 -3.89 1.25 -3.12
N TRP A 138 -3.11 0.60 -2.26
CA TRP A 138 -3.25 -0.83 -2.02
C TRP A 138 -4.03 -1.32 -0.82
N ASN A 139 -4.96 -2.26 -1.05
CA ASN A 139 -5.71 -2.91 0.03
C ASN A 139 -5.11 -4.32 0.13
N ASP A 140 -4.34 -4.57 1.19
CA ASP A 140 -3.69 -5.87 1.39
C ASP A 140 -4.68 -7.04 1.44
N ASN A 141 -5.93 -6.77 1.81
CA ASN A 141 -6.97 -7.80 1.82
C ASN A 141 -7.99 -7.42 0.75
N GLY A 142 -7.49 -7.09 -0.44
CA GLY A 142 -8.37 -6.64 -1.50
C GLY A 142 -8.81 -7.65 -2.56
N LYS A 143 -8.96 -8.92 -2.20
CA LYS A 143 -9.41 -9.91 -3.18
C LYS A 143 -10.88 -9.64 -3.49
N GLU A 144 -11.34 -10.05 -4.68
CA GLU A 144 -12.71 -9.78 -5.12
C GLU A 144 -13.83 -10.11 -4.14
N GLN A 145 -13.80 -11.31 -3.58
CA GLN A 145 -14.87 -11.69 -2.67
C GLN A 145 -14.76 -11.08 -1.28
N MET A 146 -13.69 -10.31 -1.06
N MET A 146 -13.78 -10.20 -1.06
CA MET A 146 -13.45 -9.67 0.24
CA MET A 146 -13.77 -9.65 0.33
C MET A 146 -13.77 -8.17 0.25
C MET A 146 -13.78 -8.13 0.32
N VAL A 147 -14.12 -7.61 -0.91
CA VAL A 147 -14.41 -6.17 -0.98
C VAL A 147 -15.83 -5.89 -1.45
N ASP A 148 -16.39 -4.75 -1.03
CA ASP A 148 -17.75 -4.35 -1.40
C ASP A 148 -17.73 -3.51 -2.67
N SER A 149 -18.11 -4.15 -3.78
N SER A 149 -18.13 -4.10 -3.91
CA SER A 149 -18.14 -3.49 -5.09
CA SER A 149 -17.99 -3.30 -5.13
C SER A 149 -19.12 -2.32 -5.15
C SER A 149 -19.11 -2.28 -5.24
N SER A 150 -20.05 -2.24 -4.22
CA SER A 150 -21.00 -1.14 -4.20
C SER A 150 -20.45 0.08 -3.46
N LYS A 151 -19.27 -0.04 -2.88
CA LYS A 151 -18.66 1.06 -2.14
C LYS A 151 -17.24 1.37 -2.65
N PRO A 152 -17.08 1.62 -3.97
CA PRO A 152 -15.74 1.92 -4.48
C PRO A 152 -15.16 3.22 -3.91
N GLU A 153 -16.02 4.04 -3.30
CA GLU A 153 -15.54 5.30 -2.72
C GLU A 153 -15.02 5.21 -1.27
N LEU A 154 -15.29 4.10 -0.60
CA LEU A 154 -14.91 3.95 0.81
C LEU A 154 -13.41 3.85 1.11
N LEU A 155 -12.95 4.69 2.02
CA LEU A 155 -11.54 4.71 2.44
C LEU A 155 -11.42 4.41 3.94
N TYR A 156 -10.19 4.04 4.34
CA TYR A 156 -9.86 3.67 5.72
C TYR A 156 -8.49 4.17 6.13
N ARG A 157 -8.21 4.10 7.42
CA ARG A 157 -6.87 4.36 7.93
C ARG A 157 -6.33 2.95 8.23
N THR A 158 -5.02 2.77 8.07
CA THR A 158 -4.37 1.49 8.42
C THR A 158 -3.02 1.75 9.06
N ASP A 159 -2.68 0.92 10.03
CA ASP A 159 -1.39 0.97 10.70
C ASP A 159 -0.35 0.16 9.92
N PHE A 160 -0.79 -0.67 8.98
CA PHE A 160 0.09 -1.52 8.19
C PHE A 160 0.46 -0.81 6.90
N PHE A 161 1.71 -0.35 6.78
CA PHE A 161 2.17 0.34 5.57
C PHE A 161 2.02 -0.57 4.36
N PRO A 162 1.19 -0.17 3.38
CA PRO A 162 1.02 -1.05 2.21
C PRO A 162 1.96 -0.86 1.03
N GLY A 163 2.47 0.37 0.86
CA GLY A 163 3.32 0.68 -0.28
C GLY A 163 2.52 0.45 -1.55
N LEU A 164 3.15 -0.12 -2.58
CA LEU A 164 2.50 -0.48 -3.84
C LEU A 164 1.56 0.59 -4.41
N GLY A 165 2.16 1.72 -4.74
CA GLY A 165 1.43 2.88 -5.25
C GLY A 165 1.17 3.76 -4.03
N TRP A 166 2.16 4.56 -3.62
CA TRP A 166 1.97 5.35 -2.40
C TRP A 166 2.56 6.74 -2.47
N LEU A 167 1.86 7.65 -1.82
CA LEU A 167 2.22 9.06 -1.73
C LEU A 167 2.94 9.38 -0.43
N LEU A 168 4.05 10.12 -0.52
CA LEU A 168 4.75 10.59 0.68
C LEU A 168 5.16 12.03 0.45
N LEU A 169 5.28 12.77 1.56
CA LEU A 169 5.71 14.16 1.53
C LEU A 169 7.24 14.27 1.61
N ALA A 170 7.76 15.38 1.10
CA ALA A 170 9.20 15.64 1.21
C ALA A 170 9.60 15.62 2.69
N GLU A 171 8.69 16.02 3.57
CA GLU A 171 8.95 16.01 5.01
C GLU A 171 9.27 14.60 5.52
N LEU A 172 8.61 13.58 4.97
CA LEU A 172 8.90 12.23 5.42
C LEU A 172 10.25 11.77 4.91
N TRP A 173 10.60 12.13 3.66
CA TRP A 173 11.91 11.72 3.15
C TRP A 173 13.00 12.35 4.03
N ALA A 174 12.77 13.55 4.55
CA ALA A 174 13.75 14.20 5.41
C ALA A 174 14.04 13.36 6.66
N GLU A 175 13.01 12.69 7.15
CA GLU A 175 13.12 11.84 8.32
C GLU A 175 13.75 10.47 8.02
N LEU A 176 13.38 9.88 6.88
CA LEU A 176 13.87 8.55 6.52
C LEU A 176 15.25 8.42 5.91
N GLU A 177 15.64 9.37 5.05
CA GLU A 177 16.91 9.23 4.38
C GLU A 177 18.18 9.02 5.23
N PRO A 178 18.33 9.77 6.32
CA PRO A 178 19.54 9.60 7.16
C PRO A 178 19.74 8.21 7.76
N LYS A 179 18.66 7.43 7.83
CA LYS A 179 18.72 6.09 8.42
C LYS A 179 18.24 5.01 7.44
N TRP A 180 18.17 5.35 6.15
CA TRP A 180 17.70 4.40 5.13
C TRP A 180 18.47 3.08 5.25
N PRO A 181 17.76 1.95 5.24
CA PRO A 181 18.38 0.63 5.39
C PRO A 181 19.11 0.04 4.19
N LYS A 182 19.95 -0.95 4.47
CA LYS A 182 20.69 -1.63 3.42
C LYS A 182 19.79 -2.54 2.58
N ALA A 183 18.71 -3.05 3.18
CA ALA A 183 17.82 -3.96 2.46
C ALA A 183 16.46 -4.07 3.15
N PHE A 184 15.47 -4.55 2.39
CA PHE A 184 14.11 -4.78 2.90
C PHE A 184 13.49 -3.51 3.44
N TRP A 185 13.48 -2.47 2.61
CA TRP A 185 12.99 -1.18 3.05
C TRP A 185 11.52 -1.15 3.45
N ASP A 186 10.70 -2.01 2.85
CA ASP A 186 9.29 -2.04 3.19
C ASP A 186 9.05 -2.56 4.62
N ASP A 187 9.70 -3.66 4.99
CA ASP A 187 9.52 -4.19 6.34
C ASP A 187 10.20 -3.27 7.36
N TRP A 188 11.24 -2.55 6.92
CA TRP A 188 11.94 -1.60 7.80
C TRP A 188 10.97 -0.44 8.12
N MET A 189 10.19 -0.03 7.11
N MET A 189 10.20 0.18 7.08
CA MET A 189 9.19 1.03 7.27
CA MET A 189 9.25 1.22 7.43
C MET A 189 8.14 0.62 8.30
C MET A 189 8.13 0.68 8.32
N ARG A 190 7.80 -0.66 8.27
CA ARG A 190 6.80 -1.23 9.15
C ARG A 190 7.21 -1.36 10.62
N ARG A 191 8.48 -1.16 10.90
CA ARG A 191 8.95 -1.22 12.28
C ARG A 191 8.51 0.03 13.04
N PRO A 192 8.24 -0.11 14.35
CA PRO A 192 7.80 1.03 15.15
C PRO A 192 8.80 2.20 15.21
N GLU A 193 10.09 1.93 15.13
N GLU A 193 10.03 2.08 15.25
CA GLU A 193 11.09 3.00 15.17
CA GLU A 193 11.01 3.15 15.27
C GLU A 193 10.89 3.96 13.99
C GLU A 193 11.05 3.92 13.95
N GLN A 194 10.37 3.43 12.88
CA GLN A 194 10.13 4.25 11.71
C GLN A 194 8.70 4.81 11.68
N ARG A 195 7.73 3.92 11.88
CA ARG A 195 6.32 4.30 11.80
C ARG A 195 5.87 5.32 12.86
N LYS A 196 6.37 5.16 14.07
CA LYS A 196 6.05 6.06 15.18
C LYS A 196 4.54 6.26 15.37
N GLY A 197 3.79 5.16 15.24
CA GLY A 197 2.36 5.17 15.44
C GLY A 197 1.50 5.77 14.34
N ARG A 198 2.12 6.17 13.23
CA ARG A 198 1.38 6.81 12.15
C ARG A 198 0.68 5.83 11.21
N ALA A 199 -0.37 6.33 10.57
CA ALA A 199 -1.16 5.51 9.68
C ALA A 199 -1.13 5.99 8.23
N CYS A 200 -1.64 5.14 7.35
CA CYS A 200 -1.78 5.51 5.96
C CYS A 200 -3.26 5.41 5.61
N VAL A 201 -3.67 6.15 4.60
CA VAL A 201 -5.03 6.01 4.10
C VAL A 201 -4.94 4.87 3.07
N ARG A 202 -5.93 3.99 3.04
CA ARG A 202 -5.96 2.90 2.05
C ARG A 202 -7.44 2.73 1.65
N PRO A 203 -7.68 2.22 0.44
CA PRO A 203 -9.06 2.04 -0.04
C PRO A 203 -9.72 0.68 0.13
N GLU A 204 -11.05 0.67 0.06
CA GLU A 204 -11.83 -0.57 0.10
C GLU A 204 -11.44 -1.39 -1.15
N ILE A 205 -11.30 -0.73 -2.31
CA ILE A 205 -10.92 -1.40 -3.55
C ILE A 205 -9.60 -0.78 -4.04
N SER A 206 -8.59 -1.63 -4.25
N SER A 206 -8.65 -1.67 -4.32
CA SER A 206 -7.27 -1.14 -4.68
CA SER A 206 -7.28 -1.25 -4.60
C SER A 206 -7.22 -0.31 -5.95
C SER A 206 -7.22 -0.39 -5.86
N ARG A 207 -6.37 0.70 -5.93
CA ARG A 207 -6.16 1.56 -7.09
C ARG A 207 -4.91 1.16 -7.90
N THR A 208 -4.28 0.07 -7.48
CA THR A 208 -3.14 -0.53 -8.20
C THR A 208 -3.32 -2.04 -8.12
N MET A 209 -2.69 -2.74 -9.05
N MET A 209 -2.74 -2.65 -9.08
CA MET A 209 -2.73 -4.20 -9.12
CA MET A 209 -2.66 -4.09 -9.04
C MET A 209 -1.38 -4.61 -9.73
C MET A 209 -1.35 -4.55 -9.65
N THR A 210 -0.69 -5.56 -9.09
CA THR A 210 0.60 -5.97 -9.65
C THR A 210 0.47 -7.16 -10.59
N PHE A 211 1.25 -7.11 -11.67
CA PHE A 211 1.28 -8.18 -12.65
C PHE A 211 2.68 -8.81 -12.74
N GLY A 212 3.55 -8.41 -11.81
CA GLY A 212 4.94 -8.88 -11.80
C GLY A 212 5.18 -10.26 -11.20
N ARG A 213 4.69 -11.30 -11.87
CA ARG A 213 4.88 -12.65 -11.35
C ARG A 213 6.37 -12.99 -11.24
N LYS A 214 7.12 -12.60 -12.26
CA LYS A 214 8.57 -12.79 -12.29
C LYS A 214 9.22 -11.47 -11.91
N GLY A 215 10.07 -11.52 -10.89
CA GLY A 215 10.78 -10.34 -10.41
C GLY A 215 11.94 -10.78 -9.55
N VAL A 216 12.29 -9.97 -8.56
CA VAL A 216 13.39 -10.28 -7.67
C VAL A 216 13.12 -11.50 -6.81
N SER A 217 11.87 -11.69 -6.44
CA SER A 217 11.49 -12.79 -5.56
C SER A 217 11.04 -14.04 -6.28
N HIS A 218 10.67 -15.01 -5.49
CA HIS A 218 10.16 -16.27 -6.01
C HIS A 218 8.67 -16.01 -6.10
N GLY A 219 8.06 -16.49 -7.17
CA GLY A 219 6.63 -16.27 -7.39
C GLY A 219 5.62 -16.73 -6.35
N GLN A 220 6.09 -17.29 -5.23
CA GLN A 220 5.22 -17.77 -4.17
C GLN A 220 4.13 -16.81 -3.66
N PHE A 221 4.54 -15.66 -3.15
CA PHE A 221 3.58 -14.66 -2.65
C PHE A 221 2.64 -14.17 -3.76
N PHE A 222 3.17 -13.98 -4.96
CA PHE A 222 2.35 -13.54 -6.08
C PHE A 222 1.28 -14.60 -6.41
N ASP A 223 1.70 -15.86 -6.53
CA ASP A 223 0.79 -16.93 -6.89
C ASP A 223 -0.25 -17.27 -5.82
N GLN A 224 0.08 -17.04 -4.55
CA GLN A 224 -0.89 -17.37 -3.53
C GLN A 224 -1.73 -16.21 -3.04
N HIS A 225 -1.28 -14.99 -3.31
CA HIS A 225 -2.01 -13.84 -2.81
C HIS A 225 -2.13 -12.63 -3.75
N LEU A 226 -0.99 -12.09 -4.18
CA LEU A 226 -1.02 -10.86 -4.97
C LEU A 226 -1.84 -10.88 -6.24
N LYS A 227 -1.81 -12.01 -6.96
CA LYS A 227 -2.53 -12.11 -8.23
C LYS A 227 -4.04 -11.96 -8.08
N PHE A 228 -4.53 -12.14 -6.85
CA PHE A 228 -5.96 -12.05 -6.58
C PHE A 228 -6.49 -10.68 -6.14
N ILE A 229 -5.58 -9.71 -6.01
CA ILE A 229 -6.00 -8.37 -5.61
C ILE A 229 -6.75 -7.71 -6.79
N LYS A 230 -7.96 -7.26 -6.52
CA LYS A 230 -8.84 -6.66 -7.52
C LYS A 230 -8.52 -5.19 -7.81
N LEU A 231 -8.42 -4.84 -9.10
CA LEU A 231 -8.18 -3.43 -9.47
C LEU A 231 -9.52 -2.72 -9.68
N ASN A 232 -9.69 -1.58 -9.02
CA ASN A 232 -10.94 -0.83 -9.20
C ASN A 232 -11.10 -0.37 -10.64
N GLN A 233 -12.32 -0.45 -11.16
CA GLN A 233 -12.56 0.02 -12.52
C GLN A 233 -13.70 1.03 -12.58
N GLN A 234 -14.32 1.34 -11.45
CA GLN A 234 -15.41 2.32 -11.42
C GLN A 234 -14.83 3.68 -10.96
N PHE A 235 -14.79 4.66 -11.86
CA PHE A 235 -14.24 5.97 -11.50
C PHE A 235 -15.03 6.66 -10.40
N VAL A 236 -14.33 7.00 -9.31
CA VAL A 236 -14.91 7.70 -8.18
C VAL A 236 -14.32 9.11 -8.16
N PRO A 237 -15.17 10.16 -8.14
CA PRO A 237 -14.70 11.55 -8.11
C PRO A 237 -14.32 11.99 -6.69
N PHE A 238 -13.22 11.42 -6.17
CA PHE A 238 -12.79 11.72 -4.82
C PHE A 238 -12.64 13.21 -4.50
N THR A 239 -12.24 14.01 -5.48
CA THR A 239 -12.07 15.45 -5.23
C THR A 239 -13.38 16.16 -4.97
N GLN A 240 -14.51 15.49 -5.24
CA GLN A 240 -15.83 16.06 -5.01
C GLN A 240 -16.47 15.54 -3.72
N LEU A 241 -15.79 14.63 -3.03
CA LEU A 241 -16.33 14.03 -1.82
C LEU A 241 -15.80 14.67 -0.55
N ASP A 242 -16.53 14.48 0.55
CA ASP A 242 -16.11 15.04 1.83
C ASP A 242 -15.30 13.95 2.55
N LEU A 243 -13.97 14.12 2.58
CA LEU A 243 -13.10 13.14 3.21
C LEU A 243 -12.74 13.49 4.65
N SER A 244 -13.49 14.40 5.26
CA SER A 244 -13.20 14.80 6.64
C SER A 244 -13.25 13.63 7.63
N TYR A 245 -13.98 12.58 7.28
CA TYR A 245 -14.10 11.42 8.17
C TYR A 245 -12.78 10.69 8.41
N LEU A 246 -11.79 10.97 7.58
CA LEU A 246 -10.47 10.34 7.71
C LEU A 246 -9.54 11.03 8.69
N GLN A 247 -9.89 12.24 9.14
CA GLN A 247 -9.07 12.96 10.11
C GLN A 247 -9.01 12.09 11.37
N GLN A 248 -7.86 12.05 12.05
CA GLN A 248 -7.73 11.17 13.23
C GLN A 248 -8.82 11.33 14.28
N GLU A 249 -9.13 12.56 14.64
CA GLU A 249 -10.14 12.80 15.67
C GLU A 249 -11.48 12.16 15.34
N ALA A 250 -11.96 12.38 14.12
CA ALA A 250 -13.23 11.81 13.71
C ALA A 250 -13.18 10.30 13.57
N TYR A 251 -12.14 9.82 12.90
CA TYR A 251 -12.01 8.38 12.65
C TYR A 251 -11.90 7.53 13.92
N ASP A 252 -11.04 7.95 14.84
CA ASP A 252 -10.84 7.19 16.06
C ASP A 252 -12.06 7.17 16.97
N ARG A 253 -12.95 8.13 16.78
CA ARG A 253 -14.17 8.13 17.55
C ARG A 253 -15.24 7.32 16.83
N ASP A 254 -15.56 7.73 15.61
CA ASP A 254 -16.63 7.09 14.84
C ASP A 254 -16.39 5.67 14.33
N PHE A 255 -15.24 5.42 13.74
CA PHE A 255 -15.01 4.08 13.24
C PHE A 255 -14.88 3.11 14.41
N LEU A 256 -14.19 3.51 15.48
CA LEU A 256 -14.07 2.61 16.62
C LEU A 256 -15.42 2.35 17.29
N ALA A 257 -16.26 3.38 17.37
CA ALA A 257 -17.58 3.21 17.97
C ALA A 257 -18.40 2.23 17.11
N ARG A 258 -18.19 2.29 15.80
CA ARG A 258 -18.89 1.42 14.89
C ARG A 258 -18.48 -0.05 15.07
N VAL A 259 -17.17 -0.26 15.17
CA VAL A 259 -16.65 -1.61 15.33
C VAL A 259 -17.10 -2.26 16.65
N TYR A 260 -16.94 -1.52 17.75
CA TYR A 260 -17.31 -2.08 19.04
C TYR A 260 -18.79 -2.01 19.37
N GLY A 261 -19.55 -1.27 18.55
CA GLY A 261 -20.99 -1.20 18.73
C GLY A 261 -21.66 -2.31 17.94
N ALA A 262 -20.92 -2.94 17.04
CA ALA A 262 -21.46 -4.03 16.22
C ALA A 262 -21.56 -5.32 17.03
N PRO A 263 -22.59 -6.14 16.74
CA PRO A 263 -22.77 -7.40 17.46
C PRO A 263 -21.60 -8.34 17.25
N GLN A 264 -21.27 -9.08 18.30
CA GLN A 264 -20.17 -10.03 18.25
C GLN A 264 -20.70 -11.40 17.85
N LEU A 265 -19.96 -12.10 17.01
CA LEU A 265 -20.33 -13.44 16.57
C LEU A 265 -19.13 -14.36 16.63
N GLN A 266 -19.39 -15.63 16.93
CA GLN A 266 -18.30 -16.60 16.98
C GLN A 266 -17.88 -16.84 15.53
N VAL A 267 -16.59 -17.07 15.35
CA VAL A 267 -16.06 -17.27 14.01
C VAL A 267 -16.79 -18.35 13.20
N GLU A 268 -17.17 -19.44 13.85
CA GLU A 268 -17.86 -20.53 13.15
C GLU A 268 -19.20 -20.07 12.54
N LYS A 269 -19.91 -19.20 13.25
CA LYS A 269 -21.19 -18.72 12.76
C LYS A 269 -21.00 -17.83 11.53
N VAL A 270 -19.92 -17.05 11.51
CA VAL A 270 -19.64 -16.21 10.36
C VAL A 270 -19.28 -17.11 9.19
N ARG A 271 -18.43 -18.10 9.45
CA ARG A 271 -18.00 -19.03 8.40
C ARG A 271 -19.15 -19.71 7.68
N THR A 272 -20.11 -20.25 8.44
CA THR A 272 -21.23 -20.95 7.84
C THR A 272 -22.40 -20.07 7.40
N ASN A 273 -22.23 -18.76 7.55
CA ASN A 273 -23.25 -17.80 7.14
C ASN A 273 -24.53 -17.88 7.97
N ASP A 274 -24.38 -18.00 9.29
CA ASP A 274 -25.52 -18.04 10.20
C ASP A 274 -25.89 -16.60 10.55
N ARG A 275 -27.11 -16.40 11.06
CA ARG A 275 -27.53 -15.07 11.46
C ARG A 275 -27.29 -14.03 10.37
N LYS A 276 -27.81 -14.27 9.17
CA LYS A 276 -27.59 -13.33 8.08
C LYS A 276 -28.26 -11.95 8.23
N GLU A 277 -29.18 -11.82 9.19
CA GLU A 277 -29.82 -10.53 9.43
C GLU A 277 -28.79 -9.51 9.96
N LEU A 278 -27.66 -10.02 10.45
CA LEU A 278 -26.60 -9.16 10.99
C LEU A 278 -25.63 -8.85 9.86
N GLY A 279 -25.84 -7.72 9.18
CA GLY A 279 -25.00 -7.34 8.06
C GLY A 279 -23.60 -6.86 8.39
N GLU A 280 -23.36 -6.56 9.65
CA GLU A 280 -22.07 -6.07 10.11
C GLU A 280 -21.82 -6.62 11.51
N VAL A 281 -20.75 -7.37 11.66
CA VAL A 281 -20.40 -8.01 12.91
C VAL A 281 -18.95 -7.88 13.27
N ARG A 282 -18.66 -8.22 14.52
CA ARG A 282 -17.31 -8.21 15.04
C ARG A 282 -16.96 -9.64 15.46
N VAL A 283 -15.77 -10.09 15.09
CA VAL A 283 -15.28 -11.41 15.50
C VAL A 283 -14.07 -11.06 16.36
N GLN A 284 -14.14 -11.37 17.65
CA GLN A 284 -13.05 -11.03 18.56
C GLN A 284 -11.97 -12.08 18.72
N TYR A 285 -10.72 -11.63 18.72
CA TYR A 285 -9.58 -12.51 18.93
C TYR A 285 -8.90 -12.03 20.21
N THR A 286 -8.22 -12.93 20.91
CA THR A 286 -7.59 -12.58 22.17
C THR A 286 -6.08 -12.80 22.28
N GLY A 287 -5.48 -13.34 21.23
CA GLY A 287 -4.05 -13.58 21.27
C GLY A 287 -3.55 -13.89 19.87
N ARG A 288 -2.24 -14.08 19.75
CA ARG A 288 -1.65 -14.36 18.44
C ARG A 288 -2.23 -15.62 17.78
N ASP A 289 -2.41 -16.68 18.57
CA ASP A 289 -2.93 -17.92 18.02
C ASP A 289 -4.36 -17.80 17.52
N SER A 290 -5.22 -17.12 18.28
CA SER A 290 -6.60 -16.96 17.85
C SER A 290 -6.66 -16.00 16.66
N PHE A 291 -5.83 -14.96 16.65
CA PHE A 291 -5.85 -14.06 15.49
C PHE A 291 -5.54 -14.85 14.22
N LYS A 292 -4.47 -15.63 14.23
CA LYS A 292 -4.10 -16.39 13.05
C LYS A 292 -5.13 -17.42 12.65
N ALA A 293 -5.69 -18.12 13.64
CA ALA A 293 -6.71 -19.13 13.38
C ALA A 293 -7.96 -18.51 12.76
N PHE A 294 -8.42 -17.41 13.33
CA PHE A 294 -9.63 -16.75 12.82
C PHE A 294 -9.42 -16.08 11.45
N ALA A 295 -8.25 -15.48 11.24
CA ALA A 295 -7.95 -14.86 9.95
C ALA A 295 -7.98 -15.93 8.86
N LYS A 296 -7.32 -17.05 9.11
CA LYS A 296 -7.28 -18.14 8.14
C LYS A 296 -8.68 -18.72 7.89
N ALA A 297 -9.46 -18.89 8.94
CA ALA A 297 -10.82 -19.44 8.78
C ALA A 297 -11.67 -18.54 7.89
N LEU A 298 -11.44 -17.23 7.97
CA LEU A 298 -12.22 -16.29 7.18
C LEU A 298 -11.56 -15.82 5.90
N GLY A 299 -10.48 -16.50 5.53
CA GLY A 299 -9.77 -16.20 4.30
C GLY A 299 -8.94 -14.94 4.16
N VAL A 300 -8.59 -14.29 5.27
CA VAL A 300 -7.78 -13.09 5.16
C VAL A 300 -6.32 -13.37 5.50
N MET A 301 -5.45 -12.43 5.15
N MET A 301 -5.40 -12.82 4.59
CA MET A 301 -4.03 -12.59 5.43
CA MET A 301 -4.02 -12.83 5.08
C MET A 301 -3.77 -12.77 6.90
C MET A 301 -3.98 -12.76 6.59
N ASP A 302 -2.90 -13.71 7.22
CA ASP A 302 -2.63 -13.98 8.61
C ASP A 302 -1.22 -13.66 9.07
N ASP A 303 -0.43 -13.00 8.23
CA ASP A 303 0.92 -12.71 8.68
C ASP A 303 0.97 -11.35 9.35
N LEU A 304 2.00 -11.15 10.16
CA LEU A 304 2.16 -9.92 10.91
C LEU A 304 3.54 -9.34 10.72
N LYS A 305 3.63 -8.02 10.61
CA LYS A 305 4.92 -7.33 10.48
C LYS A 305 5.02 -6.43 11.69
N SER A 306 6.02 -6.68 12.53
CA SER A 306 6.21 -5.95 13.77
C SER A 306 4.93 -5.97 14.61
N GLY A 307 4.25 -7.12 14.56
CA GLY A 307 3.02 -7.32 15.32
C GLY A 307 1.75 -6.73 14.75
N VAL A 308 1.84 -6.11 13.58
CA VAL A 308 0.68 -5.49 12.95
C VAL A 308 0.10 -6.37 11.85
N PRO A 309 -1.22 -6.63 11.87
CA PRO A 309 -1.83 -7.46 10.83
C PRO A 309 -2.07 -6.65 9.54
N ARG A 310 -2.18 -7.36 8.41
CA ARG A 310 -2.42 -6.74 7.10
C ARG A 310 -3.67 -5.88 7.15
N ALA A 311 -3.52 -4.63 6.70
CA ALA A 311 -4.60 -3.64 6.70
C ALA A 311 -5.20 -3.38 8.10
N GLY A 312 -4.50 -3.77 9.15
CA GLY A 312 -5.05 -3.54 10.48
C GLY A 312 -5.01 -2.09 10.95
N TYR A 313 -5.93 -1.75 11.85
CA TYR A 313 -5.97 -0.41 12.44
C TYR A 313 -6.39 -0.65 13.89
N ARG A 314 -5.52 -0.28 14.82
CA ARG A 314 -5.75 -0.54 16.25
C ARG A 314 -6.09 -2.04 16.41
N GLY A 315 -5.37 -2.87 15.65
CA GLY A 315 -5.56 -4.31 15.67
C GLY A 315 -6.76 -4.86 14.91
N ILE A 316 -7.60 -4.00 14.34
CA ILE A 316 -8.81 -4.39 13.63
C ILE A 316 -8.61 -4.57 12.13
N VAL A 317 -8.98 -5.75 11.62
CA VAL A 317 -8.90 -6.06 10.20
C VAL A 317 -10.35 -6.08 9.72
N THR A 318 -10.66 -5.21 8.76
CA THR A 318 -12.02 -5.04 8.22
C THR A 318 -12.14 -5.53 6.78
N PHE A 319 -13.14 -6.38 6.52
CA PHE A 319 -13.29 -6.96 5.20
C PHE A 319 -14.71 -7.51 5.01
N LEU A 320 -14.97 -8.04 3.83
CA LEU A 320 -16.27 -8.65 3.55
C LEU A 320 -16.10 -10.15 3.50
N PHE A 321 -17.09 -10.87 4.02
CA PHE A 321 -17.06 -12.33 3.98
C PHE A 321 -18.44 -12.77 3.59
N ARG A 322 -18.56 -13.38 2.41
CA ARG A 322 -19.85 -13.83 1.89
C ARG A 322 -20.91 -12.72 1.97
N GLY A 323 -20.51 -11.51 1.61
CA GLY A 323 -21.41 -10.37 1.59
C GLY A 323 -21.59 -9.60 2.88
N ARG A 324 -21.08 -10.14 3.98
CA ARG A 324 -21.21 -9.50 5.28
C ARG A 324 -19.96 -8.73 5.68
N ARG A 325 -20.15 -7.57 6.29
CA ARG A 325 -19.03 -6.75 6.77
C ARG A 325 -18.57 -7.39 8.09
N VAL A 326 -17.28 -7.67 8.17
CA VAL A 326 -16.68 -8.29 9.35
C VAL A 326 -15.49 -7.48 9.87
N HIS A 327 -15.45 -7.28 11.18
CA HIS A 327 -14.33 -6.60 11.82
C HIS A 327 -13.68 -7.66 12.73
N LEU A 328 -12.50 -8.13 12.34
CA LEU A 328 -11.75 -9.12 13.17
C LEU A 328 -10.98 -8.20 14.11
N ALA A 329 -11.39 -8.18 15.36
CA ALA A 329 -10.86 -7.24 16.32
C ALA A 329 -10.43 -7.75 17.67
N PRO A 330 -9.53 -7.02 18.33
CA PRO A 330 -9.05 -7.40 19.66
C PRO A 330 -10.07 -6.81 20.65
N PRO A 331 -9.91 -7.12 21.95
CA PRO A 331 -10.84 -6.56 22.93
C PRO A 331 -10.64 -5.06 22.91
N GLN A 332 -11.67 -4.32 23.32
CA GLN A 332 -11.60 -2.85 23.30
C GLN A 332 -10.52 -2.29 24.21
N THR A 333 -9.93 -3.15 25.03
CA THR A 333 -8.85 -2.76 25.94
C THR A 333 -7.50 -2.66 25.22
N TRP A 334 -7.51 -2.94 23.91
CA TRP A 334 -6.29 -2.88 23.09
C TRP A 334 -5.53 -1.60 23.37
N ASP A 335 -4.22 -1.72 23.52
CA ASP A 335 -3.39 -0.55 23.81
C ASP A 335 -1.98 -0.69 23.21
N GLY A 336 -1.92 -0.91 21.91
CA GLY A 336 -0.62 -1.02 21.25
C GLY A 336 -0.28 -2.37 20.67
N TYR A 337 0.64 -2.36 19.71
CA TYR A 337 1.09 -3.59 19.06
C TYR A 337 2.28 -4.23 19.77
N ASP A 338 2.35 -5.55 19.70
CA ASP A 338 3.43 -6.33 20.32
C ASP A 338 4.23 -6.97 19.18
N PRO A 339 5.47 -6.49 18.95
CA PRO A 339 6.27 -7.07 17.86
C PRO A 339 6.57 -8.57 17.99
N SER A 340 6.39 -9.12 19.18
CA SER A 340 6.64 -10.55 19.37
C SER A 340 5.54 -11.44 18.78
N TRP A 341 4.46 -10.82 18.30
CA TRP A 341 3.40 -11.60 17.64
C TRP A 341 3.94 -11.79 16.23
N THR A 342 4.60 -12.91 16.00
CA THR A 342 5.21 -13.20 14.71
C THR A 342 4.51 -14.28 13.89
MN MN B . 6.89 -6.73 -7.95
C1' UDM C . 9.00 -6.56 -2.76
C2' UDM C . 7.78 -5.61 -2.76
C3' UDM C . 8.29 -4.31 -3.38
C4' UDM C . 9.44 -3.71 -2.52
C5' UDM C . 10.55 -4.74 -2.28
C6' UDM C . 11.40 -4.27 -1.09
C7' UDM C . 5.52 -6.48 -3.04
C8' UDM C . 4.45 -7.04 -3.92
N2' UDM C . 6.70 -6.16 -3.60
CB UDM C . 9.75 -6.83 -4.07
O3' UDM C . 7.24 -3.32 -3.46
O4' UDM C . 10.05 -2.53 -3.07
O5' UDM C . 9.97 -5.98 -1.83
O6' UDM C . 12.44 -5.23 -0.78
O7' UDM C . 5.28 -6.34 -1.83
N1 UDM C . 14.45 -3.16 -8.81
C2 UDM C . 15.52 -2.24 -8.76
N3 UDM C . 16.75 -2.82 -8.85
C4 UDM C . 17.01 -4.21 -8.98
C5 UDM C . 15.84 -5.06 -9.01
C6 UDM C . 14.65 -4.54 -8.93
O2 UDM C . 15.37 -1.03 -8.65
O4 UDM C . 18.16 -4.58 -9.05
C1D UDM C . 13.08 -2.62 -8.74
C2D UDM C . 12.07 -3.11 -9.75
O2' UDM C . 12.22 -2.39 -10.97
C3D UDM C . 10.73 -2.82 -9.03
C4D UDM C . 11.06 -2.97 -7.55
O4D UDM C . 12.52 -2.89 -7.46
O3D UDM C . 10.25 -1.48 -9.30
C5D UDM C . 10.61 -4.24 -6.83
O5D UDM C . 11.17 -5.37 -7.49
PA UDM C . 10.31 -6.60 -7.98
O1A UDM C . 8.99 -6.14 -8.49
O2A UDM C . 11.17 -7.34 -8.92
O3A UDM C . 10.01 -7.63 -6.73
PB UDM C . 9.06 -7.67 -5.48
O1B UDM C . 7.78 -7.06 -6.00
O2B UDM C . 8.88 -9.13 -5.17
C1 GOL D . 9.96 -8.28 0.46
O1 GOL D . 8.80 -7.60 0.98
C2 GOL D . 11.14 -8.06 1.42
O2 GOL D . 11.51 -6.67 1.37
C3 GOL D . 10.85 -8.43 2.86
O3 GOL D . 10.67 -9.86 2.92
C1 GOL E . 5.89 15.68 -19.02
O1 GOL E . 4.84 14.99 -19.72
C2 GOL E . 6.44 14.82 -17.86
O2 GOL E . 5.73 13.58 -17.78
C3 GOL E . 7.92 14.50 -18.02
O3 GOL E . 8.43 14.17 -16.72
C1 GOL F . -0.81 -7.55 17.77
O1 GOL F . 0.38 -6.92 18.28
C2 GOL F . -2.02 -7.10 18.58
O2 GOL F . -1.68 -6.01 19.41
C3 GOL F . -3.18 -6.67 17.70
O3 GOL F . -4.35 -6.70 18.51
C1 GOL G . 15.72 -8.18 -28.86
O1 GOL G . 15.13 -6.99 -29.39
C2 GOL G . 15.49 -8.17 -27.36
O2 GOL G . 14.41 -9.07 -27.07
C3 GOL G . 16.70 -8.61 -26.55
O3 GOL G . 16.91 -7.65 -25.50
C1 GOL H . 15.08 -8.18 -11.48
O1 GOL H . 14.01 -8.32 -12.43
C2 GOL H . 15.92 -9.44 -11.48
O2 GOL H . 16.55 -9.58 -12.77
C3 GOL H . 16.98 -9.43 -10.42
O3 GOL H . 17.39 -10.78 -10.20
C1 GOL I . 4.35 12.62 9.24
O1 GOL I . 4.34 12.93 10.64
C2 GOL I . 4.93 13.81 8.48
O2 GOL I . 6.21 14.12 9.05
C3 GOL I . 5.10 13.62 6.99
O3 GOL I . 3.94 12.99 6.45
#